data_1X9N
#
_entry.id   1X9N
#
_cell.length_a   161.889
_cell.length_b   161.889
_cell.length_c   88.455
_cell.angle_alpha   90.00
_cell.angle_beta   90.00
_cell.angle_gamma   120.00
#
_symmetry.space_group_name_H-M   'P 63'
#
loop_
_entity.id
_entity.type
_entity.pdbx_description
1 polymer 'dideoxy terminated DNA'
2 polymer "5'-phosphorylated DNA"
3 polymer 'template DNA'
4 polymer 'DNA ligase I'
5 non-polymer 'ADENOSINE MONOPHOSPHATE'
#
loop_
_entity_poly.entity_id
_entity_poly.type
_entity_poly.pdbx_seq_one_letter_code
_entity_poly.pdbx_strand_id
1 'polydeoxyribonucleotide' (DG)(DT)(DG)(DC)(DT)(DG)(DA)(DT)(DG)(DC)(DG)(DT)(DOC) B
2 'polydeoxyribonucleotide' (DG)(DT)(DC)(DG)(DG)(DA)(DC)(DT)(DG)(DA)(DT)(DT)(DC)(DG)(DG) C
3 'polydeoxyribonucleotide'
;(DC)(DC)(DG)(DA)(DA)(DT)(DC)(DA)(DG)(DT)(DC)(DC)(DG)(DA)(DC)(DG)(DA)(DC)(DG)(DC)
(DA)(DT)(DC)(DA)(DG)(DC)(DA)(DC)
;
D
4 'polypeptide(L)'
;MTPRKPAVKKEVKEEEPGAPGKEGAAEGPLDPSGYNPAKNNYHPVEDACWKPGQKVPYLAVARTFEKIEEVSARLR
(MSE)VETLSNLLRSVVALSPPDLLPVLYLSLNHLGPPQQGLELGVGDGVLLKAVAQATGRQLESVRAEAAEKGDVGLVA
ENSRSTQRL(MSE)LPPPPLTASGVFSKFRDIARLTGSASTAKKIDIIKGLFVACRHSEARFIARSLSGRLRLGLAEQSV
LAALSQAVSLTPPGQEFPPA(MSE)VDAGKGKTAEARKTWLEEQG(MSE)ILKQTFCEVPDLDRIIPVLLEHGLERLPEH
CKLSPGIPLKP(MSE)LAHPTRGISEVLKRFEEAAFTCEYKYDGQRAQIHALEGGEVKIFSRNQEDNTGKYPDIISRIPK
IKLPSVTSFILDTEAVAWDREKKQIQPFQVLTTRKRKEVDASEIQVQVCLYAFDLIYLNGESLVREPLSRRRQLLRENFV
ETEGEFVFATSLDTKDIEQIAEFLEQSVKDSCEGL(MSE)VKTLDVDATYEIAKRSHNWLKLKKDYLDGVGDTLDLVVIG
AYLGRGKRAGRYGGFLLASYDEDSEELQAICKLGTGFSDEELEEHHQSLKALVLPSPRPYVRIDGAVIPDHWLDPSAVWE
VKCADLSLSPIYPAARGLVDSDKGISLRFPRFIRVREDKQPEQATTSAQVACLYRKQSQIQNQQGEDSGSDPEDTY
;
A
#
# COMPACT_ATOMS: atom_id res chain seq x y z
N ASP D 31 32.11 5.57 18.89
CA ASP D 31 32.15 4.55 17.79
C ASP D 31 30.77 4.02 17.46
N PRO D 32 30.33 4.19 16.23
CA PRO D 32 28.95 3.91 15.85
C PRO D 32 28.70 2.42 15.82
N SER D 33 29.78 1.65 15.70
CA SER D 33 29.67 0.22 15.69
C SER D 33 29.13 -0.26 17.04
N GLY D 34 29.31 0.54 18.08
CA GLY D 34 28.77 0.23 19.39
C GLY D 34 27.54 1.06 19.76
N TYR D 35 27.06 1.84 18.80
CA TYR D 35 25.90 2.69 19.02
C TYR D 35 24.71 1.85 19.41
N ASN D 36 23.99 2.28 20.43
CA ASN D 36 22.92 1.44 20.96
C ASN D 36 21.65 2.21 21.36
N PRO D 37 20.84 2.55 20.37
CA PRO D 37 19.61 3.34 20.56
C PRO D 37 18.52 2.57 21.32
N ALA D 38 18.86 1.41 21.84
CA ALA D 38 17.93 0.54 22.53
C ALA D 38 18.27 0.52 24.00
N LYS D 39 19.32 1.26 24.34
CA LYS D 39 19.82 1.33 25.70
C LYS D 39 18.82 1.93 26.71
N ASN D 40 19.20 1.91 27.98
CA ASN D 40 18.40 2.52 29.02
C ASN D 40 18.98 3.86 29.39
N ASN D 41 18.16 4.75 29.93
CA ASN D 41 18.61 6.12 30.18
C ASN D 41 19.44 6.61 29.00
N TYR D 42 18.86 6.53 27.82
CA TYR D 42 19.54 7.01 26.64
C TYR D 42 19.66 8.53 26.72
N HIS D 43 20.89 9.01 26.72
CA HIS D 43 21.13 10.43 26.67
C HIS D 43 21.49 10.77 25.26
N PRO D 44 20.57 11.46 24.59
CA PRO D 44 20.79 11.94 23.23
C PRO D 44 22.23 12.39 22.97
N VAL D 45 22.76 13.35 23.71
CA VAL D 45 24.10 13.85 23.37
C VAL D 45 25.20 12.84 23.59
N GLU D 46 25.09 12.16 24.73
CA GLU D 46 26.07 11.24 25.23
C GLU D 46 26.06 9.90 24.52
N ASP D 47 24.88 9.33 24.36
CA ASP D 47 24.77 8.00 23.84
C ASP D 47 24.76 8.00 22.32
N ALA D 48 24.91 9.20 21.76
CA ALA D 48 25.10 9.37 20.32
C ALA D 48 26.48 8.90 19.98
N CYS D 49 26.75 8.70 18.70
CA CYS D 49 28.05 8.16 18.36
C CYS D 49 28.63 8.93 17.20
N TRP D 50 28.20 10.17 17.04
CA TRP D 50 28.87 11.07 16.12
C TRP D 50 29.04 12.46 16.74
N LYS D 51 29.68 13.36 16.01
CA LYS D 51 30.06 14.67 16.57
C LYS D 51 29.03 15.75 16.24
N PRO D 52 28.77 16.65 17.18
CA PRO D 52 27.75 17.68 16.98
C PRO D 52 28.01 18.43 15.70
N GLY D 53 26.93 18.77 15.00
CA GLY D 53 27.03 19.40 13.70
C GLY D 53 27.71 18.59 12.61
N GLN D 54 28.15 17.38 12.93
CA GLN D 54 28.76 16.54 11.92
C GLN D 54 27.68 15.66 11.30
N LYS D 55 28.03 14.91 10.26
CA LYS D 55 27.08 14.18 9.42
C LYS D 55 26.75 12.85 10.01
N VAL D 56 25.45 12.54 10.13
CA VAL D 56 25.00 11.25 10.67
C VAL D 56 25.44 10.13 9.80
N PRO D 57 26.12 9.18 10.44
CA PRO D 57 26.61 7.94 9.82
C PRO D 57 25.53 6.91 9.56
N TYR D 58 25.53 6.32 8.37
CA TYR D 58 24.57 5.25 8.10
C TYR D 58 24.64 4.14 9.16
N LEU D 59 25.86 3.86 9.63
CA LEU D 59 26.11 2.76 10.54
C LEU D 59 25.27 2.97 11.75
N ALA D 60 25.09 4.24 12.12
CA ALA D 60 24.21 4.58 13.22
C ALA D 60 22.77 4.14 12.88
N VAL D 61 22.31 4.47 11.68
CA VAL D 61 20.97 4.12 11.23
C VAL D 61 20.75 2.61 11.15
N ALA D 62 21.81 1.89 10.81
CA ALA D 62 21.68 0.45 10.67
C ALA D 62 21.69 -0.21 12.04
N ARG D 63 22.56 0.28 12.92
CA ARG D 63 22.63 -0.27 14.26
C ARG D 63 21.26 -0.10 14.95
N THR D 64 20.59 1.00 14.65
CA THR D 64 19.24 1.26 15.15
C THR D 64 18.24 0.22 14.61
N PHE D 65 18.19 0.09 13.28
CA PHE D 65 17.42 -0.93 12.57
C PHE D 65 17.61 -2.31 13.17
N GLU D 66 18.87 -2.65 13.43
CA GLU D 66 19.24 -3.87 14.13
C GLU D 66 18.52 -3.99 15.50
N LYS D 67 18.60 -2.94 16.30
CA LYS D 67 18.02 -2.99 17.62
C LYS D 67 16.50 -3.10 17.60
N ILE D 68 15.87 -2.53 16.58
CA ILE D 68 14.42 -2.57 16.46
C ILE D 68 13.98 -3.96 16.10
N GLU D 69 14.62 -4.52 15.08
CA GLU D 69 14.31 -5.85 14.63
C GLU D 69 14.58 -6.84 15.74
N GLU D 70 15.43 -6.50 16.69
CA GLU D 70 15.68 -7.40 17.82
C GLU D 70 14.41 -7.62 18.62
N VAL D 71 13.38 -6.84 18.32
CA VAL D 71 12.27 -6.69 19.24
C VAL D 71 10.88 -6.83 18.63
N SER D 72 9.95 -7.20 19.47
CA SER D 72 8.58 -7.39 19.07
C SER D 72 7.69 -6.20 19.46
N ALA D 73 7.81 -5.73 20.71
CA ALA D 73 7.05 -4.60 21.20
C ALA D 73 7.16 -3.39 20.27
N ARG D 74 6.04 -3.00 19.70
CA ARG D 74 6.01 -1.87 18.79
C ARG D 74 6.41 -0.65 19.60
N LEU D 75 5.99 -0.64 20.86
CA LEU D 75 6.26 0.48 21.75
C LEU D 75 7.75 0.62 22.02
N ARG D 76 8.42 -0.51 22.19
CA ARG D 76 9.85 -0.49 22.39
C ARG D 76 10.50 -0.01 21.10
N VAL D 78 9.42 1.91 18.84
CA VAL D 78 9.22 3.30 18.48
C VAL D 78 10.18 4.14 19.30
N GLU D 79 10.32 3.72 20.54
CA GLU D 79 11.17 4.37 21.51
C GLU D 79 12.62 4.33 21.06
N THR D 80 13.05 3.21 20.49
CA THR D 80 14.39 3.12 19.93
C THR D 80 14.58 4.05 18.76
N LEU D 81 13.69 3.97 17.79
CA LEU D 81 13.75 4.90 16.69
C LEU D 81 13.77 6.34 17.20
N SER D 82 12.88 6.64 18.14
CA SER D 82 12.90 7.93 18.83
C SER D 82 14.31 8.36 19.30
N ASN D 83 15.06 7.41 19.83
CA ASN D 83 16.38 7.72 20.35
C ASN D 83 17.34 8.19 19.28
N LEU D 84 17.33 7.53 18.13
CA LEU D 84 18.22 7.96 17.06
C LEU D 84 17.75 9.36 16.63
N LEU D 85 16.44 9.48 16.47
CA LEU D 85 15.81 10.73 16.07
C LEU D 85 16.18 11.90 16.98
N ARG D 86 16.10 11.70 18.30
CA ARG D 86 16.42 12.76 19.25
C ARG D 86 17.86 13.18 19.14
N SER D 87 18.73 12.22 18.85
CA SER D 87 20.12 12.56 18.64
C SER D 87 20.32 13.31 17.30
N VAL D 88 19.62 12.87 16.26
CA VAL D 88 19.63 13.61 14.98
C VAL D 88 19.19 15.10 15.15
N VAL D 89 18.07 15.31 15.85
CA VAL D 89 17.57 16.65 16.11
C VAL D 89 18.61 17.41 16.89
N ALA D 90 18.89 16.94 18.10
CA ALA D 90 19.87 17.59 18.97
C ALA D 90 21.19 17.82 18.26
N LEU D 91 21.68 16.85 17.52
CA LEU D 91 23.04 16.91 17.00
C LEU D 91 23.19 17.45 15.58
N SER D 92 22.22 17.17 14.71
CA SER D 92 22.46 17.27 13.26
C SER D 92 21.19 17.43 12.43
N PRO D 93 20.40 18.45 12.74
CA PRO D 93 19.00 18.59 12.30
C PRO D 93 18.74 18.35 10.82
N PRO D 94 19.63 18.85 9.99
CA PRO D 94 19.54 18.66 8.55
C PRO D 94 19.57 17.20 8.11
N ASP D 95 19.90 16.28 9.01
CA ASP D 95 19.94 14.87 8.64
C ASP D 95 18.60 14.18 8.93
N LEU D 96 17.75 14.85 9.71
CA LEU D 96 16.50 14.23 10.16
C LEU D 96 15.70 13.67 8.97
N LEU D 97 15.56 14.49 7.91
CA LEU D 97 14.81 14.12 6.73
C LEU D 97 15.33 12.85 6.08
N PRO D 98 16.60 12.84 5.69
CA PRO D 98 17.23 11.63 5.19
C PRO D 98 17.00 10.47 6.14
N VAL D 99 17.28 10.66 7.43
CA VAL D 99 17.10 9.53 8.34
C VAL D 99 15.65 9.04 8.28
N LEU D 100 14.69 9.96 8.30
CA LEU D 100 13.31 9.54 8.25
C LEU D 100 13.07 8.71 6.98
N TYR D 101 13.49 9.23 5.82
CA TYR D 101 13.19 8.57 4.56
C TYR D 101 13.81 7.20 4.56
N LEU D 102 15.03 7.11 5.09
CA LEU D 102 15.70 5.84 5.19
C LEU D 102 14.86 4.84 5.98
N SER D 103 14.45 5.16 7.20
CA SER D 103 13.62 4.25 8.00
C SER D 103 12.28 3.96 7.35
N LEU D 104 11.78 4.88 6.54
CA LEU D 104 10.50 4.70 5.84
C LEU D 104 10.71 3.90 4.56
N ASN D 105 11.96 3.78 4.18
CA ASN D 105 12.33 3.24 2.88
C ASN D 105 11.56 3.84 1.69
N HIS D 106 11.67 5.15 1.54
CA HIS D 106 11.09 5.88 0.40
C HIS D 106 12.03 6.98 -0.12
N LEU D 107 12.00 7.25 -1.44
CA LEU D 107 12.90 8.22 -2.04
C LEU D 107 12.46 9.64 -1.79
N GLY D 108 11.19 9.84 -1.45
CA GLY D 108 10.65 11.17 -1.26
C GLY D 108 9.13 11.25 -1.31
N PRO D 109 8.60 12.44 -1.57
CA PRO D 109 7.14 12.66 -1.57
C PRO D 109 6.44 11.84 -2.65
N PRO D 110 5.29 11.26 -2.34
CA PRO D 110 4.56 10.40 -3.27
C PRO D 110 4.35 11.05 -4.63
N GLN D 111 3.87 12.30 -4.66
CA GLN D 111 3.52 12.99 -5.91
C GLN D 111 4.72 13.42 -6.70
N GLN D 112 5.91 13.13 -6.20
CA GLN D 112 7.10 13.36 -6.99
C GLN D 112 7.40 12.12 -7.80
N GLY D 113 6.76 11.02 -7.44
CA GLY D 113 6.92 9.76 -8.12
C GLY D 113 8.32 9.35 -8.50
N LEU D 114 9.25 9.25 -7.56
CA LEU D 114 10.58 8.73 -7.85
C LEU D 114 10.53 7.22 -7.82
N GLU D 115 11.30 6.57 -8.68
CA GLU D 115 11.33 5.12 -8.66
C GLU D 115 12.73 4.54 -8.79
N LEU D 116 13.05 3.69 -7.81
CA LEU D 116 14.32 2.98 -7.77
C LEU D 116 14.62 2.37 -9.13
N GLY D 117 13.67 1.60 -9.66
CA GLY D 117 13.81 1.07 -11.00
C GLY D 117 14.83 -0.04 -11.06
N VAL D 118 15.45 -0.35 -9.93
CA VAL D 118 16.09 -1.63 -9.79
C VAL D 118 14.96 -2.63 -9.71
N GLY D 119 15.18 -3.81 -10.24
CA GLY D 119 14.32 -4.91 -9.86
C GLY D 119 15.07 -5.79 -8.87
N ASP D 120 14.47 -6.94 -8.61
CA ASP D 120 15.15 -8.02 -7.91
C ASP D 120 16.43 -8.42 -8.66
N GLY D 121 16.26 -8.89 -9.90
CA GLY D 121 17.37 -9.38 -10.68
C GLY D 121 18.54 -8.43 -10.88
N VAL D 122 18.25 -7.14 -11.04
CA VAL D 122 19.31 -6.15 -11.18
C VAL D 122 20.01 -6.14 -9.87
N LEU D 123 19.25 -5.94 -8.80
CA LEU D 123 19.82 -5.98 -7.46
C LEU D 123 20.67 -7.23 -7.34
N LEU D 124 20.10 -8.36 -7.74
CA LEU D 124 20.78 -9.63 -7.69
C LEU D 124 22.16 -9.58 -8.33
N LYS D 125 22.24 -9.22 -9.63
CA LYS D 125 23.55 -9.15 -10.33
C LYS D 125 24.50 -8.19 -9.64
N ALA D 126 24.01 -6.99 -9.31
CA ALA D 126 24.79 -6.08 -8.49
C ALA D 126 25.47 -6.86 -7.38
N VAL D 127 24.68 -7.53 -6.57
CA VAL D 127 25.20 -8.29 -5.45
C VAL D 127 26.31 -9.25 -5.88
N ALA D 128 25.98 -10.19 -6.77
CA ALA D 128 26.94 -11.21 -7.21
C ALA D 128 28.29 -10.59 -7.61
N GLN D 129 28.22 -9.49 -8.35
CA GLN D 129 29.39 -8.69 -8.69
C GLN D 129 30.18 -8.31 -7.44
N ALA D 130 29.56 -7.55 -6.54
CA ALA D 130 30.25 -7.11 -5.33
C ALA D 130 30.80 -8.24 -4.43
N THR D 131 30.16 -9.40 -4.42
CA THR D 131 30.55 -10.48 -3.52
C THR D 131 31.62 -11.32 -4.15
N GLY D 132 31.92 -11.04 -5.40
CA GLY D 132 32.76 -11.91 -6.19
C GLY D 132 32.16 -13.31 -6.19
N ARG D 133 30.84 -13.39 -6.37
CA ARG D 133 30.13 -14.66 -6.55
C ARG D 133 29.43 -14.73 -7.92
N GLN D 134 28.94 -15.90 -8.31
CA GLN D 134 28.19 -16.00 -9.57
C GLN D 134 26.66 -15.88 -9.39
N LEU D 135 26.00 -15.19 -10.31
CA LEU D 135 24.57 -14.87 -10.24
C LEU D 135 23.74 -16.00 -9.69
N GLU D 136 24.07 -17.21 -10.10
CA GLU D 136 23.36 -18.37 -9.61
C GLU D 136 23.55 -18.57 -8.13
N SER D 137 24.76 -18.85 -7.69
CA SER D 137 24.98 -19.16 -6.29
C SER D 137 24.32 -18.13 -5.42
N VAL D 138 24.59 -16.87 -5.72
CA VAL D 138 23.93 -15.75 -5.07
C VAL D 138 22.41 -15.90 -5.14
N ARG D 139 21.89 -15.95 -6.36
CA ARG D 139 20.48 -16.18 -6.66
C ARG D 139 19.81 -17.26 -5.82
N ALA D 140 20.41 -18.44 -5.83
CA ALA D 140 19.95 -19.56 -5.04
C ALA D 140 19.85 -19.16 -3.59
N GLU D 141 20.96 -18.70 -3.03
CA GLU D 141 21.02 -18.35 -1.61
C GLU D 141 19.91 -17.37 -1.20
N ALA D 142 19.71 -16.33 -1.99
CA ALA D 142 18.66 -15.37 -1.73
C ALA D 142 17.25 -16.01 -1.77
N ALA D 143 16.98 -16.78 -2.82
CA ALA D 143 15.70 -17.47 -2.93
C ALA D 143 15.43 -18.33 -1.70
N GLU D 144 16.43 -19.10 -1.32
CA GLU D 144 16.27 -20.03 -0.22
C GLU D 144 16.20 -19.33 1.13
N LYS D 145 17.17 -18.49 1.45
CA LYS D 145 17.19 -17.81 2.73
C LYS D 145 16.03 -16.83 2.82
N GLY D 146 15.47 -16.49 1.66
CA GLY D 146 14.33 -15.61 1.56
C GLY D 146 14.63 -14.17 1.92
N ASP D 147 15.90 -13.81 1.87
CA ASP D 147 16.36 -12.51 2.34
C ASP D 147 17.62 -12.16 1.64
N VAL D 148 17.55 -11.17 0.75
CA VAL D 148 18.73 -10.80 -0.02
C VAL D 148 19.84 -10.30 0.88
N GLY D 149 19.46 -9.60 1.94
CA GLY D 149 20.36 -9.03 2.92
C GLY D 149 21.47 -9.91 3.46
N LEU D 150 21.26 -11.22 3.48
CA LEU D 150 22.31 -12.11 3.97
C LEU D 150 23.31 -12.62 2.92
N VAL D 151 22.82 -12.90 1.73
CA VAL D 151 23.70 -13.13 0.61
C VAL D 151 24.49 -11.86 0.30
N ALA D 152 24.13 -10.75 0.93
CA ALA D 152 24.73 -9.45 0.64
C ALA D 152 26.08 -9.25 1.30
N GLU D 153 26.27 -9.81 2.50
CA GLU D 153 27.59 -9.77 3.17
C GLU D 153 28.41 -11.07 2.94
N LEU D 163 41.74 -1.06 0.18
CA LEU D 163 41.46 0.24 0.81
C LEU D 163 40.01 0.70 0.60
N PRO D 164 39.17 0.36 1.58
CA PRO D 164 37.75 0.70 1.53
C PRO D 164 37.51 2.20 1.74
N PRO D 165 36.48 2.74 1.07
CA PRO D 165 36.12 4.15 1.17
C PRO D 165 35.90 4.62 2.61
N PRO D 166 35.71 5.92 2.79
CA PRO D 166 35.32 6.43 4.10
C PRO D 166 33.90 5.98 4.39
N PRO D 167 33.57 5.95 5.68
CA PRO D 167 32.37 5.29 6.17
C PRO D 167 31.12 5.92 5.61
N LEU D 168 30.09 5.10 5.46
CA LEU D 168 28.89 5.50 4.81
C LEU D 168 28.10 6.44 5.69
N THR D 169 27.70 7.55 5.09
CA THR D 169 26.88 8.57 5.73
C THR D 169 25.39 8.34 5.48
N ALA D 170 24.60 8.57 6.53
CA ALA D 170 23.15 8.45 6.40
C ALA D 170 22.63 9.27 5.24
N SER D 171 23.06 10.53 5.18
CA SER D 171 22.64 11.46 4.15
C SER D 171 23.12 11.05 2.77
N GLY D 172 24.34 10.49 2.69
CA GLY D 172 24.95 10.07 1.45
C GLY D 172 24.22 8.91 0.83
N VAL D 173 23.83 7.97 1.68
CA VAL D 173 23.18 6.76 1.25
C VAL D 173 21.91 7.12 0.55
N PHE D 174 21.12 8.00 1.15
CA PHE D 174 19.81 8.39 0.62
C PHE D 174 19.96 9.03 -0.74
N SER D 175 20.91 9.94 -0.86
CA SER D 175 21.09 10.61 -2.13
C SER D 175 21.56 9.64 -3.20
N LYS D 176 22.38 8.66 -2.83
CA LYS D 176 22.80 7.64 -3.79
C LYS D 176 21.56 6.89 -4.25
N PHE D 177 20.66 6.55 -3.32
CA PHE D 177 19.39 5.95 -3.68
C PHE D 177 18.69 6.84 -4.69
N ARG D 178 18.54 8.10 -4.35
CA ARG D 178 17.92 9.06 -5.26
C ARG D 178 18.66 9.16 -6.60
N ASP D 179 19.91 8.78 -6.62
CA ASP D 179 20.62 8.80 -7.87
C ASP D 179 20.21 7.64 -8.71
N ILE D 180 20.27 6.45 -8.13
CA ILE D 180 19.78 5.25 -8.81
C ILE D 180 18.45 5.55 -9.49
N ALA D 181 17.50 6.06 -8.72
CA ALA D 181 16.15 6.33 -9.22
C ALA D 181 16.15 7.25 -10.43
N ARG D 182 17.06 8.19 -10.43
CA ARG D 182 17.06 9.24 -11.41
C ARG D 182 17.52 8.68 -12.73
N LEU D 183 18.39 7.68 -12.65
CA LEU D 183 18.98 7.03 -13.80
C LEU D 183 17.97 6.29 -14.66
N THR D 184 17.44 6.95 -15.68
CA THR D 184 16.48 6.29 -16.54
C THR D 184 16.96 6.17 -17.99
N GLY D 185 16.06 5.74 -18.87
CA GLY D 185 16.37 5.57 -20.27
C GLY D 185 17.40 4.48 -20.56
N SER D 186 17.84 4.43 -21.80
CA SER D 186 18.69 3.34 -22.30
C SER D 186 20.07 3.19 -21.63
N ALA D 187 20.45 1.94 -21.40
CA ALA D 187 21.70 1.57 -20.75
C ALA D 187 21.76 1.98 -19.28
N SER D 188 20.68 2.57 -18.76
CA SER D 188 20.70 3.12 -17.42
C SER D 188 20.91 2.06 -16.33
N THR D 189 20.55 0.82 -16.64
CA THR D 189 20.65 -0.28 -15.69
C THR D 189 22.06 -0.53 -15.18
N ALA D 190 23.02 -0.63 -16.11
CA ALA D 190 24.42 -0.81 -15.75
C ALA D 190 24.88 0.33 -14.83
N LYS D 191 24.47 1.54 -15.17
CA LYS D 191 24.71 2.70 -14.31
C LYS D 191 24.13 2.46 -12.91
N LYS D 192 22.85 2.06 -12.85
CA LYS D 192 22.22 1.74 -11.57
C LYS D 192 23.06 0.71 -10.79
N ILE D 193 23.48 -0.33 -11.49
CA ILE D 193 24.30 -1.38 -10.88
C ILE D 193 25.60 -0.81 -10.31
N ASP D 194 26.22 0.10 -11.07
CA ASP D 194 27.47 0.74 -10.64
C ASP D 194 27.38 1.29 -9.24
N ILE D 195 26.39 2.14 -9.02
CA ILE D 195 26.20 2.72 -7.70
C ILE D 195 25.96 1.68 -6.62
N ILE D 196 25.04 0.73 -6.86
CA ILE D 196 24.77 -0.29 -5.85
C ILE D 196 26.08 -0.95 -5.39
N LYS D 197 26.84 -1.44 -6.36
CA LYS D 197 28.09 -2.14 -6.05
C LYS D 197 28.99 -1.23 -5.22
N GLY D 198 29.08 0.04 -5.60
CA GLY D 198 29.84 1.00 -4.82
C GLY D 198 29.39 1.01 -3.38
N LEU D 199 28.13 1.37 -3.19
CA LEU D 199 27.44 1.31 -1.91
C LEU D 199 27.82 0.06 -1.13
N PHE D 200 27.74 -1.10 -1.78
CA PHE D 200 28.15 -2.34 -1.13
C PHE D 200 29.61 -2.37 -0.65
N VAL D 201 30.56 -2.08 -1.54
CA VAL D 201 31.97 -2.16 -1.17
C VAL D 201 32.30 -1.22 -0.05
N ALA D 202 31.45 -0.20 0.09
CA ALA D 202 31.63 0.84 1.08
C ALA D 202 31.15 0.38 2.45
N CYS D 203 30.16 -0.51 2.46
CA CYS D 203 29.53 -0.96 3.69
C CYS D 203 30.47 -1.54 4.73
N ARG D 204 30.18 -1.25 5.99
CA ARG D 204 31.18 -1.43 7.03
C ARG D 204 30.91 -2.60 7.93
N HIS D 205 29.67 -2.75 8.36
CA HIS D 205 29.37 -3.91 9.17
C HIS D 205 28.15 -4.58 8.58
N SER D 206 27.05 -4.49 9.32
CA SER D 206 25.74 -4.94 8.88
C SER D 206 25.11 -3.99 7.88
N GLU D 207 25.78 -2.87 7.59
CA GLU D 207 25.26 -1.91 6.62
C GLU D 207 24.76 -2.64 5.38
N ALA D 208 25.63 -3.49 4.86
CA ALA D 208 25.31 -4.28 3.68
C ALA D 208 23.86 -4.78 3.64
N ARG D 209 23.53 -5.66 4.59
CA ARG D 209 22.22 -6.29 4.64
C ARG D 209 21.05 -5.31 4.58
N PHE D 210 21.18 -4.21 5.30
CA PHE D 210 20.16 -3.18 5.31
C PHE D 210 20.06 -2.42 4.01
N ILE D 211 21.20 -2.05 3.45
CA ILE D 211 21.19 -1.51 2.10
C ILE D 211 20.61 -2.51 1.09
N ALA D 212 20.95 -3.78 1.22
CA ALA D 212 20.41 -4.80 0.33
C ALA D 212 18.88 -4.79 0.41
N ARG D 213 18.35 -4.95 1.61
CA ARG D 213 16.92 -5.00 1.80
C ARG D 213 16.23 -3.77 1.26
N SER D 214 16.80 -2.59 1.49
CA SER D 214 16.16 -1.36 1.04
C SER D 214 15.89 -1.39 -0.45
N LEU D 215 16.93 -1.75 -1.19
CA LEU D 215 16.89 -1.79 -2.65
C LEU D 215 15.99 -2.91 -3.08
N SER D 216 16.14 -4.03 -2.39
CA SER D 216 15.23 -5.16 -2.52
C SER D 216 13.75 -4.77 -2.24
N GLY D 217 13.51 -3.55 -1.81
CA GLY D 217 12.15 -3.15 -1.51
C GLY D 217 11.57 -3.95 -0.36
N ARG D 218 12.43 -4.62 0.41
CA ARG D 218 11.95 -5.46 1.48
C ARG D 218 12.69 -5.27 2.79
N LEU D 219 12.63 -4.04 3.31
CA LEU D 219 13.34 -3.63 4.52
C LEU D 219 13.09 -4.49 5.75
N ARG D 220 11.81 -4.77 6.00
CA ARG D 220 11.35 -5.69 7.06
C ARG D 220 11.54 -5.15 8.46
N LEU D 221 11.61 -3.82 8.60
CA LEU D 221 11.84 -3.17 9.88
C LEU D 221 10.82 -3.53 10.96
N GLY D 222 9.54 -3.45 10.61
CA GLY D 222 8.47 -3.70 11.55
C GLY D 222 7.79 -2.39 11.91
N LEU D 223 8.34 -1.29 11.44
CA LEU D 223 7.74 0.03 11.62
C LEU D 223 7.65 0.71 10.29
N ALA D 224 6.48 1.26 9.98
CA ALA D 224 6.26 2.01 8.77
C ALA D 224 5.72 3.34 9.17
N GLU D 225 4.89 3.95 8.32
CA GLU D 225 4.41 5.33 8.45
C GLU D 225 3.95 5.78 9.85
N GLN D 226 2.99 5.06 10.40
CA GLN D 226 2.49 5.33 11.73
C GLN D 226 3.58 5.40 12.77
N SER D 227 4.32 4.31 12.91
CA SER D 227 5.37 4.23 13.91
C SER D 227 6.49 5.24 13.71
N VAL D 228 6.92 5.43 12.46
CA VAL D 228 7.98 6.37 12.23
C VAL D 228 7.42 7.76 12.57
N LEU D 229 6.17 8.02 12.19
CA LEU D 229 5.49 9.25 12.55
C LEU D 229 5.53 9.40 14.05
N ALA D 230 4.86 8.48 14.75
CA ALA D 230 5.07 8.22 16.20
C ALA D 230 6.49 8.56 16.76
N ALA D 231 7.51 7.94 16.19
CA ALA D 231 8.83 8.06 16.73
C ALA D 231 9.32 9.49 16.55
N LEU D 232 8.92 10.10 15.43
CA LEU D 232 9.31 11.48 15.15
C LEU D 232 8.71 12.39 16.20
N SER D 233 7.41 12.20 16.44
CA SER D 233 6.68 13.06 17.36
C SER D 233 7.34 13.02 18.73
N GLN D 234 7.56 11.81 19.20
CA GLN D 234 8.23 11.55 20.46
C GLN D 234 9.55 12.30 20.53
N ALA D 235 10.39 12.09 19.53
CA ALA D 235 11.73 12.61 19.54
C ALA D 235 11.65 14.11 19.71
N VAL D 236 10.84 14.68 18.85
CA VAL D 236 10.72 16.13 18.76
C VAL D 236 10.08 16.68 20.04
N SER D 237 9.33 15.84 20.76
CA SER D 237 8.67 16.21 22.02
C SER D 237 9.56 16.05 23.27
N LEU D 238 10.49 15.11 23.21
CA LEU D 238 11.35 14.82 24.35
C LEU D 238 12.58 15.70 24.31
N THR D 239 13.05 15.98 23.10
CA THR D 239 14.26 16.77 22.91
C THR D 239 13.99 17.75 21.80
N PRO D 240 13.44 18.90 22.13
CA PRO D 240 12.93 19.85 21.15
C PRO D 240 13.98 20.46 20.27
N PRO D 241 13.59 20.78 19.04
CA PRO D 241 14.49 21.43 18.09
C PRO D 241 14.69 22.84 18.51
N GLY D 242 15.68 23.52 17.98
CA GLY D 242 15.80 24.94 18.21
C GLY D 242 16.72 25.36 19.33
N GLN D 243 17.28 24.39 20.03
CA GLN D 243 18.10 24.70 21.18
C GLN D 243 19.57 24.94 20.83
N GLU D 244 20.18 25.99 21.36
CA GLU D 244 21.64 26.05 21.26
C GLU D 244 22.25 24.83 21.95
N PHE D 245 23.42 24.43 21.47
CA PHE D 245 24.04 23.17 21.85
C PHE D 245 25.06 23.33 22.98
N PRO D 246 25.11 22.35 23.86
CA PRO D 246 24.19 21.20 23.79
C PRO D 246 22.88 21.54 24.45
N PRO D 247 21.81 20.83 24.10
CA PRO D 247 20.45 21.24 24.46
C PRO D 247 20.23 21.17 25.97
N ALA D 248 19.68 22.26 26.52
CA ALA D 248 19.45 22.34 27.95
C ALA D 248 18.14 21.66 28.33
N VAL D 250 16.52 17.98 27.53
CA VAL D 250 16.94 16.78 26.85
C VAL D 250 15.91 15.66 27.00
N ASP D 251 15.06 15.81 28.01
CA ASP D 251 13.97 14.90 28.30
C ASP D 251 12.80 15.67 28.90
N ALA D 252 11.98 16.26 28.04
CA ALA D 252 10.79 16.95 28.47
C ALA D 252 9.84 16.04 29.26
N GLY D 253 10.06 14.73 29.26
CA GLY D 253 9.17 13.81 29.96
C GLY D 253 9.53 13.54 31.42
N LYS D 254 10.75 13.93 31.79
CA LYS D 254 11.26 13.77 33.15
C LYS D 254 10.25 14.14 34.24
N GLY D 255 9.92 13.20 35.12
CA GLY D 255 9.06 13.54 36.23
C GLY D 255 7.66 13.01 36.06
N LYS D 256 7.17 13.01 34.82
CA LYS D 256 5.94 12.36 34.46
C LYS D 256 6.08 10.94 34.89
N THR D 257 5.04 10.38 35.50
CA THR D 257 5.00 8.93 35.65
C THR D 257 4.89 8.27 34.29
N ALA D 258 4.90 6.95 34.26
CA ALA D 258 5.00 6.23 32.98
C ALA D 258 3.73 6.38 32.16
N GLU D 259 2.61 6.10 32.81
CA GLU D 259 1.29 6.27 32.23
C GLU D 259 1.13 7.72 31.77
N ALA D 260 1.56 8.64 32.64
CA ALA D 260 1.49 10.06 32.38
C ALA D 260 2.26 10.39 31.09
N ARG D 261 3.50 9.94 31.03
CA ARG D 261 4.34 10.21 29.90
C ARG D 261 3.72 9.57 28.66
N LYS D 262 3.12 8.40 28.83
CA LYS D 262 2.42 7.76 27.69
C LYS D 262 1.39 8.66 27.05
N THR D 263 0.42 9.08 27.86
CA THR D 263 -0.68 9.93 27.42
C THR D 263 -0.16 11.18 26.77
N TRP D 264 0.61 11.94 27.52
CA TRP D 264 1.20 13.14 26.99
C TRP D 264 1.77 12.82 25.61
N LEU D 265 2.57 11.77 25.52
CA LEU D 265 3.17 11.46 24.24
C LEU D 265 2.12 11.25 23.17
N GLU D 266 1.10 10.43 23.42
CA GLU D 266 0.03 10.25 22.45
C GLU D 266 -0.69 11.55 22.03
N GLU D 267 -0.84 12.52 22.94
CA GLU D 267 -1.45 13.79 22.57
C GLU D 267 -0.57 14.51 21.52
N GLN D 268 0.70 14.62 21.83
CA GLN D 268 1.63 15.22 20.91
C GLN D 268 1.61 14.46 19.62
N GLY D 269 1.43 13.15 19.72
CA GLY D 269 1.45 12.29 18.56
C GLY D 269 0.40 12.71 17.56
N ILE D 271 -1.10 15.49 17.09
CA ILE D 271 -0.75 16.74 16.45
C ILE D 271 -0.02 16.49 15.14
N LEU D 272 1.19 15.90 15.23
CA LEU D 272 1.96 15.59 14.04
C LEU D 272 1.13 14.73 13.12
N LYS D 273 0.50 13.71 13.68
CA LYS D 273 -0.16 12.69 12.86
C LYS D 273 -1.30 13.24 12.01
N GLN D 274 -2.13 14.12 12.60
CA GLN D 274 -3.19 14.74 11.80
C GLN D 274 -2.63 15.70 10.77
N THR D 275 -1.46 16.29 11.03
CA THR D 275 -0.94 17.28 10.12
C THR D 275 -0.44 16.61 8.89
N PHE D 276 0.36 15.56 9.09
CA PHE D 276 0.92 14.79 7.98
C PHE D 276 -0.22 14.33 7.10
N CYS D 277 -1.36 14.11 7.74
CA CYS D 277 -2.47 13.59 7.02
C CYS D 277 -2.95 14.59 5.98
N GLU D 278 -3.07 15.84 6.38
CA GLU D 278 -3.51 16.88 5.45
C GLU D 278 -2.36 17.31 4.51
N VAL D 279 -1.13 17.30 5.03
CA VAL D 279 0.06 17.52 4.22
C VAL D 279 1.02 16.35 4.39
N PRO D 280 0.66 15.23 3.78
CA PRO D 280 1.45 14.00 3.88
C PRO D 280 2.73 14.08 3.08
N ASP D 281 3.70 14.88 3.50
CA ASP D 281 4.86 15.27 2.70
C ASP D 281 5.99 15.78 3.57
N LEU D 282 6.96 14.91 3.84
CA LEU D 282 8.02 15.22 4.78
C LEU D 282 8.86 16.41 4.35
N ASP D 283 9.19 16.45 3.07
CA ASP D 283 9.81 17.64 2.51
C ASP D 283 9.20 18.91 3.10
N ARG D 284 7.87 18.96 3.18
CA ARG D 284 7.13 20.09 3.77
C ARG D 284 7.14 20.19 5.32
N ILE D 285 6.72 19.11 5.96
CA ILE D 285 6.51 19.09 7.38
C ILE D 285 7.83 19.45 8.05
N ILE D 286 8.85 18.68 7.73
CA ILE D 286 10.03 18.60 8.59
C ILE D 286 10.67 19.97 8.87
N PRO D 287 10.90 20.71 7.80
CA PRO D 287 11.58 21.98 7.94
C PRO D 287 10.73 22.92 8.81
N VAL D 288 9.40 22.80 8.69
CA VAL D 288 8.45 23.61 9.45
C VAL D 288 8.47 23.15 10.89
N LEU D 289 8.44 21.84 11.07
CA LEU D 289 8.55 21.24 12.39
C LEU D 289 9.81 21.73 13.08
N LEU D 290 10.95 21.38 12.52
CA LEU D 290 12.22 21.88 13.00
C LEU D 290 12.18 23.37 13.28
N GLU D 291 11.53 24.13 12.43
CA GLU D 291 11.55 25.58 12.56
C GLU D 291 10.60 26.14 13.61
N HIS D 292 9.43 25.57 13.79
CA HIS D 292 8.43 26.16 14.69
C HIS D 292 8.05 25.24 15.82
N GLY D 293 8.49 23.99 15.75
CA GLY D 293 8.14 23.02 16.75
C GLY D 293 6.75 22.45 16.58
N LEU D 294 6.51 21.33 17.24
CA LEU D 294 5.30 20.55 17.01
C LEU D 294 4.06 21.36 17.32
N GLU D 295 4.06 22.03 18.45
CA GLU D 295 2.91 22.78 18.92
C GLU D 295 2.32 23.69 17.89
N ARG D 296 3.14 24.49 17.23
CA ARG D 296 2.64 25.45 16.26
C ARG D 296 2.73 24.94 14.82
N LEU D 297 3.06 23.67 14.67
CA LEU D 297 3.18 23.06 13.36
C LEU D 297 1.95 23.31 12.48
N PRO D 298 0.77 23.04 13.01
CA PRO D 298 -0.46 23.22 12.25
C PRO D 298 -0.64 24.66 11.69
N GLU D 299 -0.34 25.67 12.51
CA GLU D 299 -0.46 27.06 12.10
C GLU D 299 0.33 27.36 10.87
N HIS D 300 1.40 26.61 10.64
CA HIS D 300 2.28 26.86 9.53
C HIS D 300 2.27 25.72 8.52
N CYS D 301 1.28 24.84 8.57
CA CYS D 301 1.17 23.76 7.59
C CYS D 301 -0.27 23.37 7.35
N LYS D 302 -0.80 23.75 6.20
CA LYS D 302 -2.24 23.56 5.97
C LYS D 302 -2.65 22.80 4.69
N LEU D 303 -3.91 22.39 4.67
CA LEU D 303 -4.50 21.86 3.49
C LEU D 303 -4.39 22.90 2.42
N SER D 304 -3.97 22.49 1.24
CA SER D 304 -4.08 23.34 0.06
C SER D 304 -4.16 22.54 -1.20
N PRO D 305 -5.20 22.82 -1.98
CA PRO D 305 -5.47 22.13 -3.24
C PRO D 305 -4.23 22.26 -4.09
N GLY D 306 -3.73 21.15 -4.62
CA GLY D 306 -2.48 21.17 -5.34
C GLY D 306 -1.48 20.24 -4.67
N ILE D 307 -1.64 20.11 -3.36
CA ILE D 307 -0.98 19.05 -2.64
C ILE D 307 -2.02 18.03 -2.28
N PRO D 308 -1.73 16.77 -2.57
CA PRO D 308 -2.67 15.68 -2.24
C PRO D 308 -2.77 15.49 -0.72
N LEU D 309 -3.96 15.13 -0.22
CA LEU D 309 -4.12 14.75 1.18
C LEU D 309 -4.54 13.28 1.31
N LYS D 310 -4.19 12.64 2.42
CA LYS D 310 -4.50 11.22 2.63
C LYS D 310 -5.98 10.92 2.60
N PRO D 311 -6.36 9.89 1.86
CA PRO D 311 -7.75 9.53 1.65
C PRO D 311 -8.32 8.78 2.84
N LEU D 313 -10.32 5.88 4.56
CA LEU D 313 -10.37 4.46 4.25
C LEU D 313 -11.62 3.74 4.79
N ALA D 314 -11.65 2.41 4.66
CA ALA D 314 -12.84 1.63 5.00
C ALA D 314 -12.59 0.35 5.76
N HIS D 315 -13.44 0.08 6.74
CA HIS D 315 -13.45 -1.18 7.42
C HIS D 315 -14.40 -2.15 6.74
N PRO D 316 -14.02 -3.43 6.70
CA PRO D 316 -14.85 -4.47 6.12
C PRO D 316 -15.84 -4.93 7.17
N THR D 317 -17.08 -5.16 6.76
CA THR D 317 -18.14 -5.51 7.67
C THR D 317 -18.68 -6.90 7.32
N ARG D 318 -19.09 -7.67 8.33
CA ARG D 318 -19.56 -9.04 8.13
C ARG D 318 -21.02 -9.15 7.70
N GLY D 319 -21.66 -8.00 7.48
CA GLY D 319 -23.06 -7.95 7.10
C GLY D 319 -23.81 -6.81 7.77
N ILE D 320 -25.08 -6.67 7.40
CA ILE D 320 -25.91 -5.58 7.90
C ILE D 320 -25.97 -5.58 9.42
N SER D 321 -26.07 -6.76 10.00
CA SER D 321 -26.13 -6.94 11.44
C SER D 321 -25.12 -6.06 12.17
N GLU D 322 -23.85 -6.26 11.83
CA GLU D 322 -22.76 -5.58 12.52
C GLU D 322 -22.67 -4.10 12.16
N VAL D 323 -22.97 -3.78 10.90
CA VAL D 323 -23.12 -2.39 10.49
C VAL D 323 -24.09 -1.65 11.40
N LEU D 324 -25.22 -2.26 11.71
CA LEU D 324 -26.19 -1.54 12.51
C LEU D 324 -25.72 -1.41 13.94
N LYS D 325 -24.93 -2.39 14.39
CA LYS D 325 -24.36 -2.39 15.73
C LYS D 325 -23.30 -1.31 15.92
N ARG D 326 -22.33 -1.29 15.00
CA ARG D 326 -21.30 -0.29 15.05
C ARG D 326 -21.95 1.06 15.09
N PHE D 327 -22.94 1.29 14.24
CA PHE D 327 -23.57 2.59 14.14
C PHE D 327 -24.83 2.62 14.96
N GLU D 328 -24.83 1.87 16.05
CA GLU D 328 -26.05 1.64 16.80
C GLU D 328 -26.42 2.85 17.62
N GLU D 329 -25.56 3.85 17.63
CA GLU D 329 -25.92 5.13 18.26
C GLU D 329 -25.46 6.29 17.40
N ALA D 330 -25.46 6.11 16.08
CA ALA D 330 -25.01 7.16 15.19
C ALA D 330 -25.72 7.07 13.86
N ALA D 331 -26.58 8.05 13.58
CA ALA D 331 -27.20 8.17 12.25
C ALA D 331 -26.13 8.08 11.15
N PHE D 332 -26.43 7.25 10.15
CA PHE D 332 -25.53 7.02 9.03
C PHE D 332 -26.24 6.96 7.69
N THR D 333 -25.44 6.98 6.62
CA THR D 333 -25.93 6.91 5.24
C THR D 333 -25.35 5.67 4.54
N CYS D 334 -25.94 5.32 3.39
CA CYS D 334 -25.51 4.19 2.54
C CYS D 334 -25.29 4.61 1.10
N GLU D 335 -24.25 4.07 0.49
CA GLU D 335 -23.89 4.51 -0.84
C GLU D 335 -23.38 3.35 -1.63
N TYR D 336 -23.40 3.53 -2.94
CA TYR D 336 -22.91 2.49 -3.83
C TYR D 336 -21.38 2.49 -3.82
N LYS D 337 -20.80 1.32 -3.59
CA LYS D 337 -19.35 1.14 -3.70
C LYS D 337 -18.94 0.88 -5.16
N TYR D 338 -18.76 1.94 -5.92
CA TYR D 338 -18.37 1.83 -7.31
C TYR D 338 -17.02 1.17 -7.51
N ASP D 339 -16.97 0.24 -8.46
CA ASP D 339 -15.73 -0.47 -8.82
C ASP D 339 -15.01 0.26 -9.93
N GLY D 340 -14.43 1.41 -9.58
CA GLY D 340 -13.55 2.16 -10.46
C GLY D 340 -12.18 2.34 -9.81
N GLN D 341 -11.53 3.48 -10.05
CA GLN D 341 -10.39 3.90 -9.24
C GLN D 341 -10.65 5.27 -8.63
N ARG D 342 -10.08 5.49 -7.43
CA ARG D 342 -10.25 6.73 -6.67
C ARG D 342 -9.52 7.93 -7.33
N ALA D 343 -10.20 9.07 -7.39
CA ALA D 343 -9.70 10.24 -8.09
C ALA D 343 -9.94 11.50 -7.29
N GLN D 344 -8.90 11.96 -6.60
CA GLN D 344 -8.95 13.17 -5.80
C GLN D 344 -8.82 14.35 -6.73
N ILE D 345 -9.90 15.11 -6.90
CA ILE D 345 -9.89 16.22 -7.84
C ILE D 345 -9.66 17.55 -7.16
N HIS D 346 -8.60 18.22 -7.60
CA HIS D 346 -8.16 19.48 -7.03
C HIS D 346 -8.35 20.61 -8.03
N ALA D 347 -9.16 21.60 -7.68
CA ALA D 347 -9.30 22.80 -8.48
C ALA D 347 -8.72 24.02 -7.74
N LEU D 348 -7.59 24.50 -8.24
CA LEU D 348 -6.90 25.66 -7.70
C LEU D 348 -7.61 26.94 -8.14
N GLU D 349 -7.69 27.91 -7.24
CA GLU D 349 -8.35 29.19 -7.51
C GLU D 349 -7.91 29.79 -8.83
N GLY D 350 -6.62 29.69 -9.13
CA GLY D 350 -6.09 30.16 -10.39
C GLY D 350 -6.56 29.40 -11.63
N GLY D 351 -7.37 28.36 -11.44
CA GLY D 351 -8.00 27.68 -12.55
C GLY D 351 -7.45 26.30 -12.89
N GLU D 352 -6.17 26.05 -12.61
CA GLU D 352 -5.58 24.73 -12.88
C GLU D 352 -6.23 23.64 -12.03
N VAL D 353 -5.90 22.39 -12.36
CA VAL D 353 -6.57 21.24 -11.74
C VAL D 353 -5.75 19.95 -11.78
N LYS D 354 -5.53 19.36 -10.61
CA LYS D 354 -4.73 18.15 -10.50
C LYS D 354 -5.52 17.07 -9.82
N ILE D 355 -5.43 15.85 -10.34
CA ILE D 355 -6.09 14.70 -9.75
C ILE D 355 -5.08 13.72 -9.13
N PHE D 356 -5.39 13.21 -7.94
CA PHE D 356 -4.47 12.28 -7.32
C PHE D 356 -5.07 10.92 -6.98
N SER D 357 -4.20 9.92 -6.99
CA SER D 357 -4.53 8.56 -6.59
C SER D 357 -4.72 8.41 -5.07
N ARG D 358 -5.27 7.27 -4.67
CA ARG D 358 -5.33 6.84 -3.27
C ARG D 358 -3.97 6.99 -2.58
N ASN D 359 -2.88 7.00 -3.35
CA ASN D 359 -1.55 7.14 -2.78
C ASN D 359 -0.87 8.50 -2.99
N GLN D 360 -1.62 9.51 -3.39
CA GLN D 360 -1.05 10.84 -3.53
C GLN D 360 -0.17 10.96 -4.78
N GLU D 361 -0.17 9.90 -5.58
CA GLU D 361 0.46 9.83 -6.90
C GLU D 361 -0.22 10.76 -7.91
N ASP D 362 0.55 11.38 -8.79
CA ASP D 362 -0.03 12.37 -9.67
C ASP D 362 -0.69 11.72 -10.89
N ASN D 363 -2.00 11.59 -10.88
CA ASN D 363 -2.71 11.00 -12.02
C ASN D 363 -3.21 12.03 -13.05
N THR D 364 -2.95 13.32 -12.76
CA THR D 364 -3.14 14.36 -13.77
C THR D 364 -2.34 13.87 -14.96
N GLY D 365 -3.00 13.69 -16.09
CA GLY D 365 -2.34 13.14 -17.26
C GLY D 365 -3.05 11.89 -17.70
N LYS D 366 -3.33 11.02 -16.74
CA LYS D 366 -4.30 9.95 -16.94
C LYS D 366 -5.57 10.52 -17.55
N TYR D 367 -5.94 11.75 -17.17
CA TYR D 367 -7.34 12.17 -17.29
C TYR D 367 -7.63 13.51 -18.02
N PRO D 368 -7.03 13.70 -19.19
CA PRO D 368 -7.29 14.90 -19.99
C PRO D 368 -8.78 15.21 -20.13
N ASP D 369 -9.59 14.16 -20.33
CA ASP D 369 -11.04 14.30 -20.46
C ASP D 369 -11.73 14.90 -19.24
N ILE D 370 -11.40 14.37 -18.08
CA ILE D 370 -11.89 14.92 -16.83
C ILE D 370 -11.74 16.46 -16.81
N ILE D 371 -10.51 16.93 -16.94
CA ILE D 371 -10.17 18.34 -16.74
C ILE D 371 -11.03 19.32 -17.55
N SER D 372 -11.19 19.01 -18.83
CA SER D 372 -11.96 19.85 -19.72
C SER D 372 -13.43 19.89 -19.30
N ARG D 373 -13.85 18.83 -18.62
CA ARG D 373 -15.21 18.72 -18.12
C ARG D 373 -15.36 19.37 -16.77
N ILE D 374 -14.26 19.82 -16.19
CA ILE D 374 -14.29 20.40 -14.85
C ILE D 374 -15.25 21.57 -14.78
N PRO D 375 -15.15 22.50 -15.72
CA PRO D 375 -15.90 23.76 -15.68
C PRO D 375 -17.41 23.57 -15.57
N LYS D 376 -17.93 22.58 -16.27
CA LYS D 376 -19.36 22.32 -16.24
C LYS D 376 -19.76 21.47 -15.05
N ILE D 377 -18.81 21.23 -14.15
CA ILE D 377 -19.04 20.37 -12.98
C ILE D 377 -19.42 21.19 -11.75
N LYS D 378 -18.95 22.43 -11.71
CA LYS D 378 -19.10 23.32 -10.56
C LYS D 378 -19.96 24.53 -10.86
N LEU D 379 -20.47 25.15 -9.81
CA LEU D 379 -21.16 26.41 -9.96
C LEU D 379 -20.17 27.55 -10.15
N PRO D 380 -20.60 28.61 -10.83
CA PRO D 380 -19.79 29.82 -11.02
C PRO D 380 -19.14 30.43 -9.77
N SER D 381 -19.80 30.30 -8.63
CA SER D 381 -19.28 30.86 -7.36
C SER D 381 -18.14 30.02 -6.76
N VAL D 382 -18.04 28.78 -7.20
CA VAL D 382 -17.00 27.88 -6.73
C VAL D 382 -15.64 28.29 -7.28
N THR D 383 -14.81 28.86 -6.40
CA THR D 383 -13.47 29.39 -6.72
C THR D 383 -12.36 28.36 -6.62
N SER D 384 -12.62 27.28 -5.88
CA SER D 384 -11.64 26.25 -5.57
C SER D 384 -12.34 25.07 -4.89
N PHE D 385 -11.86 23.85 -5.13
CA PHE D 385 -12.46 22.72 -4.43
C PHE D 385 -11.54 21.53 -4.38
N ILE D 386 -11.76 20.68 -3.38
CA ILE D 386 -11.16 19.36 -3.34
C ILE D 386 -12.23 18.29 -3.22
N LEU D 387 -12.33 17.48 -4.28
CA LEU D 387 -13.38 16.49 -4.41
C LEU D 387 -12.92 15.05 -4.23
N ASP D 388 -13.71 14.28 -3.47
CA ASP D 388 -13.54 12.84 -3.35
C ASP D 388 -14.41 12.06 -4.32
N THR D 389 -13.75 11.32 -5.21
CA THR D 389 -14.43 10.79 -6.37
C THR D 389 -13.86 9.46 -6.81
N GLU D 390 -14.74 8.65 -7.39
CA GLU D 390 -14.34 7.48 -8.16
C GLU D 390 -14.50 7.70 -9.67
N ALA D 391 -13.41 7.48 -10.41
CA ALA D 391 -13.45 7.36 -11.85
C ALA D 391 -14.01 5.99 -12.18
N VAL D 392 -14.94 5.95 -13.13
CA VAL D 392 -15.51 4.68 -13.57
C VAL D 392 -15.57 4.59 -15.07
N ALA D 393 -15.25 3.40 -15.61
CA ALA D 393 -15.31 3.16 -17.06
C ALA D 393 -16.75 3.28 -17.54
N TRP D 394 -16.97 4.07 -18.58
CA TRP D 394 -18.33 4.38 -19.02
C TRP D 394 -18.64 4.16 -20.51
N ASP D 395 -19.80 3.55 -20.75
CA ASP D 395 -20.30 3.31 -22.11
C ASP D 395 -21.15 4.47 -22.54
N ARG D 396 -20.51 5.45 -23.19
CA ARG D 396 -21.25 6.61 -23.66
C ARG D 396 -22.39 6.15 -24.55
N GLU D 397 -22.19 5.01 -25.21
CA GLU D 397 -23.17 4.42 -26.12
C GLU D 397 -24.28 3.62 -25.42
N LYS D 398 -23.92 2.46 -24.89
CA LYS D 398 -24.86 1.65 -24.12
C LYS D 398 -25.35 2.41 -22.89
N LYS D 399 -24.53 3.37 -22.45
CA LYS D 399 -24.81 4.21 -21.30
C LYS D 399 -24.89 3.38 -20.02
N GLN D 400 -23.72 2.93 -19.57
CA GLN D 400 -23.66 2.02 -18.44
C GLN D 400 -22.24 1.90 -17.93
N ILE D 401 -22.10 1.52 -16.68
CA ILE D 401 -20.79 1.33 -16.06
C ILE D 401 -20.12 0.06 -16.59
N GLN D 402 -18.97 0.18 -17.27
CA GLN D 402 -18.21 -1.02 -17.69
C GLN D 402 -17.20 -1.47 -16.65
N PRO D 403 -16.79 -2.73 -16.75
CA PRO D 403 -15.98 -3.39 -15.70
C PRO D 403 -14.66 -2.72 -15.40
N PHE D 404 -14.17 -2.90 -14.17
CA PHE D 404 -12.96 -2.22 -13.73
C PHE D 404 -11.77 -2.58 -14.61
N GLN D 405 -11.77 -3.79 -15.16
CA GLN D 405 -10.75 -4.19 -16.14
C GLN D 405 -10.77 -3.23 -17.34
N VAL D 406 -11.96 -2.96 -17.88
CA VAL D 406 -12.10 -1.97 -18.95
C VAL D 406 -11.40 -0.68 -18.55
N LEU D 407 -11.68 -0.22 -17.33
CA LEU D 407 -11.08 0.98 -16.82
C LEU D 407 -9.58 0.95 -16.97
N THR D 408 -8.95 -0.18 -16.67
CA THR D 408 -7.48 -0.26 -16.60
C THR D 408 -6.76 -0.29 -17.95
N THR D 409 -7.46 0.13 -18.98
CA THR D 409 -6.94 -0.05 -20.32
C THR D 409 -6.51 1.26 -20.95
N ARG D 410 -6.76 2.35 -20.22
CA ARG D 410 -6.40 3.69 -20.66
C ARG D 410 -4.92 3.89 -20.51
N LYS D 411 -4.32 4.60 -21.45
CA LYS D 411 -2.92 4.99 -21.35
C LYS D 411 -2.75 5.80 -20.07
N ARG D 412 -1.66 5.56 -19.35
CA ARG D 412 -1.43 6.25 -18.09
C ARG D 412 -0.90 7.64 -18.34
N LYS D 413 0.15 7.70 -19.15
CA LYS D 413 0.95 8.91 -19.39
C LYS D 413 0.22 10.01 -20.16
N GLU D 414 0.17 9.87 -21.49
CA GLU D 414 -0.28 10.97 -22.33
C GLU D 414 -1.77 11.29 -22.20
N VAL D 415 -2.03 12.59 -22.21
CA VAL D 415 -3.38 13.14 -22.30
C VAL D 415 -3.59 13.59 -23.74
N ASP D 416 -3.36 12.65 -24.65
CA ASP D 416 -3.84 12.74 -26.03
C ASP D 416 -5.35 12.57 -25.97
N ALA D 417 -6.06 13.62 -25.55
CA ALA D 417 -7.47 13.53 -25.18
C ALA D 417 -8.38 12.93 -26.26
N SER D 418 -7.97 13.00 -27.52
CA SER D 418 -8.70 12.37 -28.62
C SER D 418 -8.47 10.86 -28.69
N GLU D 419 -7.33 10.40 -28.19
CA GLU D 419 -6.96 8.97 -28.23
C GLU D 419 -7.64 8.11 -27.16
N ILE D 420 -8.58 8.70 -26.44
CA ILE D 420 -9.31 8.00 -25.39
C ILE D 420 -10.34 7.01 -25.94
N GLN D 421 -9.92 5.76 -26.10
CA GLN D 421 -10.85 4.71 -26.47
C GLN D 421 -11.85 4.42 -25.35
N VAL D 422 -11.40 4.45 -24.10
CA VAL D 422 -12.25 4.18 -22.94
C VAL D 422 -12.72 5.46 -22.24
N GLN D 423 -14.01 5.78 -22.36
CA GLN D 423 -14.56 6.94 -21.67
C GLN D 423 -14.73 6.69 -20.17
N VAL D 424 -14.79 7.78 -19.40
CA VAL D 424 -14.87 7.67 -17.94
C VAL D 424 -15.96 8.53 -17.34
N CYS D 425 -16.60 8.01 -16.30
CA CYS D 425 -17.51 8.82 -15.48
C CYS D 425 -17.13 8.85 -13.99
N LEU D 426 -16.98 10.07 -13.50
CA LEU D 426 -16.69 10.34 -12.09
C LEU D 426 -17.93 10.22 -11.21
N TYR D 427 -17.79 9.48 -10.13
CA TYR D 427 -18.79 9.45 -9.08
C TYR D 427 -18.28 10.21 -7.84
N ALA D 428 -18.97 11.30 -7.50
CA ALA D 428 -18.61 12.14 -6.36
C ALA D 428 -19.22 11.55 -5.10
N PHE D 429 -18.60 11.77 -3.95
CA PHE D 429 -19.21 11.33 -2.72
C PHE D 429 -18.71 12.13 -1.54
N ASP D 430 -17.75 13.02 -1.78
CA ASP D 430 -17.23 13.84 -0.71
C ASP D 430 -16.49 15.10 -1.14
N LEU D 431 -16.54 16.10 -0.26
CA LEU D 431 -15.97 17.43 -0.50
C LEU D 431 -15.08 17.89 0.66
N ILE D 432 -13.78 17.82 0.41
CA ILE D 432 -12.78 18.05 1.43
C ILE D 432 -12.59 19.55 1.71
N TYR D 433 -12.86 20.37 0.71
CA TYR D 433 -12.32 21.71 0.71
C TYR D 433 -12.99 22.59 -0.35
N LEU D 434 -13.51 23.76 0.04
CA LEU D 434 -14.36 24.52 -0.87
C LEU D 434 -14.28 26.04 -0.77
N ASN D 435 -13.67 26.70 -1.75
CA ASN D 435 -13.63 28.15 -1.82
C ASN D 435 -12.86 28.71 -0.65
N GLY D 436 -11.61 28.29 -0.58
CA GLY D 436 -10.67 28.84 0.36
C GLY D 436 -10.67 28.12 1.69
N GLU D 437 -11.75 27.40 1.99
CA GLU D 437 -11.91 26.80 3.30
C GLU D 437 -11.81 25.28 3.26
N SER D 438 -11.23 24.70 4.31
CA SER D 438 -11.17 23.25 4.51
C SER D 438 -12.41 22.71 5.23
N LEU D 439 -12.95 21.60 4.73
CA LEU D 439 -14.16 21.03 5.31
C LEU D 439 -13.80 19.85 6.16
N VAL D 440 -12.50 19.69 6.36
CA VAL D 440 -11.97 18.51 7.00
C VAL D 440 -12.62 18.27 8.38
N ARG D 441 -12.75 19.33 9.15
CA ARG D 441 -13.29 19.18 10.49
C ARG D 441 -14.80 19.30 10.50
N GLU D 442 -15.45 19.06 9.36
CA GLU D 442 -16.90 19.13 9.33
C GLU D 442 -17.55 17.74 9.24
N PRO D 443 -18.79 17.64 9.71
CA PRO D 443 -19.59 16.41 9.59
C PRO D 443 -19.88 16.07 8.14
N LEU D 444 -20.03 14.78 7.86
CA LEU D 444 -20.32 14.32 6.52
C LEU D 444 -21.56 15.04 6.04
N SER D 445 -22.58 15.16 6.90
CA SER D 445 -23.79 15.91 6.58
C SER D 445 -23.49 17.25 5.97
N ARG D 446 -22.85 18.13 6.74
CA ARG D 446 -22.52 19.46 6.28
C ARG D 446 -21.82 19.35 4.95
N ARG D 447 -20.84 18.47 4.93
CA ARG D 447 -20.00 18.30 3.78
C ARG D 447 -20.81 17.92 2.52
N ARG D 448 -21.54 16.82 2.60
CA ARG D 448 -22.34 16.33 1.50
C ARG D 448 -23.32 17.39 1.02
N GLN D 449 -23.92 18.09 1.96
CA GLN D 449 -24.86 19.15 1.64
C GLN D 449 -24.20 20.18 0.75
N LEU D 450 -23.11 20.77 1.25
CA LEU D 450 -22.31 21.69 0.47
C LEU D 450 -22.02 21.15 -0.92
N LEU D 451 -21.73 19.87 -0.98
CA LEU D 451 -21.42 19.19 -2.22
C LEU D 451 -22.58 19.27 -3.21
N ARG D 452 -23.76 18.87 -2.76
CA ARG D 452 -24.93 18.86 -3.62
C ARG D 452 -25.27 20.27 -4.00
N GLU D 453 -25.13 21.17 -3.03
CA GLU D 453 -25.56 22.54 -3.20
C GLU D 453 -24.71 23.33 -4.18
N ASN D 454 -23.51 22.84 -4.45
CA ASN D 454 -22.56 23.62 -5.24
C ASN D 454 -22.07 22.92 -6.48
N PHE D 455 -22.45 21.68 -6.64
CA PHE D 455 -22.11 21.02 -7.88
C PHE D 455 -23.31 20.71 -8.79
N VAL D 456 -22.98 20.30 -10.00
CA VAL D 456 -23.95 20.11 -11.06
C VAL D 456 -23.57 18.85 -11.84
N GLU D 457 -24.43 17.84 -11.73
CA GLU D 457 -24.14 16.55 -12.34
C GLU D 457 -24.55 16.53 -13.78
N THR D 458 -23.90 15.66 -14.55
CA THR D 458 -24.33 15.36 -15.91
C THR D 458 -24.17 13.86 -16.12
N GLU D 459 -25.26 13.21 -16.55
CA GLU D 459 -25.31 11.75 -16.65
C GLU D 459 -24.08 11.25 -17.39
N GLY D 460 -23.48 10.16 -16.89
CA GLY D 460 -22.31 9.55 -17.52
C GLY D 460 -21.06 10.41 -17.55
N GLU D 461 -21.15 11.61 -17.00
CA GLU D 461 -20.03 12.52 -16.95
C GLU D 461 -19.54 12.69 -15.50
N PHE D 462 -20.32 13.42 -14.70
CA PHE D 462 -20.00 13.65 -13.29
C PHE D 462 -21.33 13.67 -12.54
N VAL D 463 -21.44 12.81 -11.52
CA VAL D 463 -22.73 12.60 -10.85
C VAL D 463 -22.56 12.10 -9.41
N PHE D 464 -23.46 12.54 -8.55
CA PHE D 464 -23.40 12.20 -7.13
C PHE D 464 -23.65 10.72 -6.91
N ALA D 465 -22.92 10.11 -5.98
CA ALA D 465 -23.08 8.68 -5.66
C ALA D 465 -24.46 8.37 -5.13
N THR D 466 -25.02 7.22 -5.47
CA THR D 466 -26.37 6.95 -5.00
C THR D 466 -26.32 6.63 -3.51
N SER D 467 -26.98 7.50 -2.75
CA SER D 467 -26.98 7.34 -1.30
C SER D 467 -28.36 6.90 -0.86
N LEU D 468 -28.41 6.39 0.37
CA LEU D 468 -29.64 5.92 0.97
C LEU D 468 -29.55 6.19 2.45
N ASP D 469 -30.57 6.83 3.00
CA ASP D 469 -30.52 7.15 4.41
C ASP D 469 -31.53 6.30 5.20
N THR D 470 -31.06 5.20 5.77
CA THR D 470 -31.89 4.30 6.61
C THR D 470 -31.16 3.64 7.78
N LYS D 471 -31.92 2.96 8.64
CA LYS D 471 -31.34 2.05 9.64
C LYS D 471 -32.17 0.77 9.61
N ASP D 472 -32.87 0.61 8.49
CA ASP D 472 -33.83 -0.46 8.25
C ASP D 472 -33.15 -1.67 7.64
N ILE D 473 -33.27 -2.82 8.30
CA ILE D 473 -32.48 -3.99 7.94
C ILE D 473 -32.79 -4.45 6.52
N GLU D 474 -34.03 -4.82 6.26
CA GLU D 474 -34.45 -5.19 4.91
C GLU D 474 -34.12 -4.09 3.92
N GLN D 475 -34.43 -2.85 4.30
CA GLN D 475 -34.19 -1.72 3.43
C GLN D 475 -32.76 -1.78 2.92
N ILE D 476 -31.83 -1.89 3.88
CA ILE D 476 -30.41 -1.95 3.60
C ILE D 476 -30.11 -3.09 2.63
N ALA D 477 -30.48 -4.30 3.01
CA ALA D 477 -30.32 -5.47 2.15
C ALA D 477 -30.79 -5.22 0.71
N GLU D 478 -31.94 -4.58 0.58
CA GLU D 478 -32.49 -4.23 -0.72
C GLU D 478 -31.51 -3.35 -1.49
N PHE D 479 -31.05 -2.29 -0.83
CA PHE D 479 -30.03 -1.41 -1.37
C PHE D 479 -28.84 -2.25 -1.84
N LEU D 480 -28.34 -3.09 -0.94
CA LEU D 480 -27.16 -3.88 -1.25
C LEU D 480 -27.32 -4.69 -2.53
N GLU D 481 -28.52 -5.20 -2.76
CA GLU D 481 -28.77 -5.98 -3.98
C GLU D 481 -28.86 -5.07 -5.20
N GLN D 482 -29.60 -3.97 -5.06
CA GLN D 482 -29.68 -3.00 -6.14
C GLN D 482 -28.28 -2.54 -6.44
N SER D 483 -27.45 -2.50 -5.41
CA SER D 483 -26.08 -2.01 -5.53
C SER D 483 -25.26 -2.90 -6.46
N VAL D 484 -25.35 -4.20 -6.25
CA VAL D 484 -24.63 -5.13 -7.12
C VAL D 484 -25.33 -5.22 -8.48
N LYS D 485 -26.61 -4.84 -8.48
CA LYS D 485 -27.46 -4.91 -9.66
C LYS D 485 -27.22 -3.72 -10.58
N ASP D 486 -26.47 -2.74 -10.09
CA ASP D 486 -26.09 -1.61 -10.91
C ASP D 486 -24.57 -1.57 -11.01
N SER D 487 -23.99 -2.76 -10.89
CA SER D 487 -22.53 -2.99 -10.89
C SER D 487 -21.77 -2.21 -9.80
N CYS D 488 -21.87 -2.67 -8.57
CA CYS D 488 -21.11 -2.04 -7.51
C CYS D 488 -20.62 -3.08 -6.54
N GLU D 489 -19.37 -2.95 -6.12
CA GLU D 489 -18.81 -3.88 -5.16
C GLU D 489 -19.87 -4.14 -4.09
N GLY D 490 -20.67 -3.11 -3.83
CA GLY D 490 -21.75 -3.15 -2.87
C GLY D 490 -21.99 -1.79 -2.24
N LEU D 491 -21.83 -1.73 -0.93
CA LEU D 491 -22.24 -0.57 -0.18
C LEU D 491 -21.13 -0.03 0.72
N VAL D 493 -20.84 2.38 4.03
CA VAL D 493 -21.65 2.95 5.10
C VAL D 493 -20.83 3.95 5.91
N LYS D 494 -21.31 5.18 5.93
CA LYS D 494 -20.66 6.29 6.59
C LYS D 494 -21.62 6.90 7.60
N THR D 495 -21.10 7.42 8.72
CA THR D 495 -21.96 8.16 9.65
C THR D 495 -22.09 9.62 9.22
N LEU D 496 -23.22 10.24 9.54
CA LEU D 496 -23.52 11.59 9.07
C LEU D 496 -23.00 12.72 9.96
N ASP D 497 -23.24 12.68 11.26
CA ASP D 497 -22.70 13.73 12.12
C ASP D 497 -22.09 13.25 13.44
N VAL D 498 -22.02 11.94 13.63
CA VAL D 498 -21.28 11.41 14.78
C VAL D 498 -20.00 10.71 14.32
N ASP D 499 -18.86 11.13 14.89
CA ASP D 499 -17.54 10.64 14.49
C ASP D 499 -17.45 10.63 12.96
N ALA D 500 -17.79 11.79 12.38
CA ALA D 500 -18.10 11.90 10.95
C ALA D 500 -17.37 13.02 10.17
N THR D 501 -16.14 13.36 10.57
CA THR D 501 -15.34 14.37 9.85
C THR D 501 -14.35 13.71 8.94
N TYR D 502 -13.43 14.50 8.39
CA TYR D 502 -12.41 13.95 7.51
C TYR D 502 -11.03 13.95 8.20
N GLU D 503 -11.06 13.66 9.49
CA GLU D 503 -9.83 13.62 10.25
C GLU D 503 -9.27 12.21 10.36
N ILE D 504 -8.51 11.82 9.35
CA ILE D 504 -8.01 10.45 9.23
C ILE D 504 -7.17 9.98 10.41
N ALA D 505 -6.56 10.93 11.13
CA ALA D 505 -5.64 10.61 12.23
C ALA D 505 -6.37 10.04 13.41
N LYS D 506 -7.68 10.21 13.41
CA LYS D 506 -8.50 9.71 14.48
C LYS D 506 -9.02 8.32 14.11
N ARG D 507 -9.34 8.14 12.82
CA ARG D 507 -9.80 6.86 12.27
C ARG D 507 -9.81 6.87 10.73
N SER D 508 -8.78 6.26 10.14
CA SER D 508 -8.66 6.21 8.68
C SER D 508 -9.79 5.41 8.06
N HIS D 509 -9.88 4.13 8.44
CA HIS D 509 -10.95 3.24 8.02
C HIS D 509 -12.13 3.58 8.89
N ASN D 510 -12.74 4.71 8.57
CA ASN D 510 -13.80 5.26 9.37
C ASN D 510 -15.13 4.92 8.75
N TRP D 511 -15.07 4.59 7.46
CA TRP D 511 -16.21 4.12 6.73
C TRP D 511 -16.18 2.63 6.68
N LEU D 512 -17.34 2.05 6.48
CA LEU D 512 -17.49 0.60 6.38
C LEU D 512 -17.87 0.19 4.97
N LYS D 513 -17.41 -0.97 4.55
CA LYS D 513 -17.93 -1.53 3.31
C LYS D 513 -18.70 -2.83 3.57
N LEU D 514 -19.90 -2.92 3.01
CA LEU D 514 -20.67 -4.16 2.96
C LEU D 514 -20.39 -4.83 1.60
N LYS D 515 -19.65 -5.93 1.62
CA LYS D 515 -19.21 -6.53 0.35
C LYS D 515 -20.04 -7.77 0.02
N LYS D 516 -20.69 -7.74 -1.15
CA LYS D 516 -21.59 -8.81 -1.58
C LYS D 516 -21.24 -10.15 -0.95
N ASP D 517 -20.00 -10.57 -1.17
CA ASP D 517 -19.39 -11.72 -0.51
C ASP D 517 -20.23 -12.32 0.64
N TYR D 518 -20.10 -11.81 1.86
CA TYR D 518 -20.81 -12.48 2.97
C TYR D 518 -22.17 -11.96 3.35
N LEU D 519 -22.54 -10.75 2.91
CA LEU D 519 -23.94 -10.35 3.04
C LEU D 519 -24.75 -11.12 1.99
N ASP D 520 -24.03 -11.63 1.00
CA ASP D 520 -24.51 -12.71 0.15
C ASP D 520 -24.76 -13.87 1.09
N GLY D 521 -23.65 -14.43 1.57
CA GLY D 521 -23.67 -15.56 2.50
C GLY D 521 -22.39 -16.35 2.31
N VAL D 522 -21.98 -16.47 1.06
CA VAL D 522 -20.70 -17.06 0.69
C VAL D 522 -20.52 -16.94 -0.83
N GLY D 523 -19.61 -16.05 -1.24
CA GLY D 523 -19.39 -15.72 -2.64
C GLY D 523 -18.83 -16.83 -3.51
N ASP D 524 -18.17 -16.43 -4.61
CA ASP D 524 -17.56 -17.40 -5.51
C ASP D 524 -16.57 -18.23 -4.74
N THR D 525 -16.73 -19.54 -4.72
CA THR D 525 -15.73 -20.37 -4.06
C THR D 525 -15.51 -21.68 -4.79
N LEU D 526 -14.24 -21.99 -5.06
CA LEU D 526 -13.86 -23.17 -5.84
C LEU D 526 -12.98 -24.12 -5.06
N ASP D 527 -12.86 -25.35 -5.57
CA ASP D 527 -11.91 -26.33 -5.07
C ASP D 527 -10.84 -26.54 -6.13
N LEU D 528 -9.59 -26.24 -5.80
CA LEU D 528 -8.50 -26.27 -6.79
C LEU D 528 -7.35 -27.21 -6.40
N VAL D 529 -6.50 -27.54 -7.37
CA VAL D 529 -5.41 -28.47 -7.10
C VAL D 529 -4.10 -27.71 -6.99
N VAL D 530 -3.35 -28.03 -5.94
CA VAL D 530 -2.05 -27.42 -5.73
C VAL D 530 -1.09 -28.11 -6.67
N ILE D 531 -0.53 -27.36 -7.61
CA ILE D 531 0.35 -27.96 -8.61
C ILE D 531 1.81 -27.48 -8.46
N GLY D 532 2.06 -26.55 -7.55
CA GLY D 532 3.44 -26.23 -7.20
C GLY D 532 3.54 -25.15 -6.14
N ALA D 533 4.58 -25.22 -5.31
CA ALA D 533 4.87 -24.15 -4.36
C ALA D 533 5.80 -23.09 -4.92
N TYR D 534 5.82 -21.95 -4.23
CA TYR D 534 6.83 -20.92 -4.41
C TYR D 534 7.44 -20.69 -3.03
N LEU D 535 8.76 -20.57 -2.99
CA LEU D 535 9.47 -20.23 -1.74
C LEU D 535 9.02 -18.89 -1.18
N GLY D 536 8.80 -18.85 0.13
CA GLY D 536 8.32 -17.65 0.80
C GLY D 536 9.45 -16.81 1.34
N ARG D 537 9.14 -15.56 1.67
CA ARG D 537 10.16 -14.61 2.08
C ARG D 537 9.73 -13.82 3.29
N GLY D 538 10.69 -13.16 3.93
CA GLY D 538 10.46 -12.38 5.13
C GLY D 538 9.83 -13.26 6.20
N LYS D 539 8.56 -13.02 6.46
CA LYS D 539 7.84 -13.86 7.39
C LYS D 539 7.68 -15.25 6.80
N ARG D 540 7.20 -15.33 5.55
CA ARG D 540 7.08 -16.59 4.81
C ARG D 540 8.43 -17.26 4.55
N ALA D 541 9.49 -16.57 4.94
CA ALA D 541 10.86 -17.06 4.82
C ALA D 541 10.99 -18.49 5.30
N GLY D 542 11.74 -19.28 4.54
CA GLY D 542 12.14 -20.60 5.00
C GLY D 542 11.07 -21.66 4.89
N ARG D 543 9.84 -21.25 4.54
CA ARG D 543 8.82 -22.22 4.12
C ARG D 543 8.27 -21.84 2.74
N TYR D 544 7.08 -22.32 2.40
CA TYR D 544 6.51 -21.88 1.15
C TYR D 544 5.76 -20.61 1.38
N GLY D 545 5.91 -19.69 0.45
CA GLY D 545 5.19 -18.44 0.51
C GLY D 545 3.86 -18.52 -0.20
N GLY D 546 3.74 -19.44 -1.14
CA GLY D 546 2.60 -19.42 -2.03
C GLY D 546 2.52 -20.59 -3.00
N PHE D 547 1.37 -20.69 -3.64
CA PHE D 547 1.11 -21.85 -4.43
C PHE D 547 0.54 -21.50 -5.76
N LEU D 548 0.56 -22.50 -6.61
CA LEU D 548 0.04 -22.41 -7.94
C LEU D 548 -1.10 -23.42 -8.03
N LEU D 549 -2.31 -22.93 -8.33
CA LEU D 549 -3.53 -23.73 -8.34
C LEU D 549 -4.13 -23.94 -9.72
N ALA D 550 -4.66 -25.13 -9.94
CA ALA D 550 -5.20 -25.52 -11.24
C ALA D 550 -6.64 -26.02 -11.07
N SER D 551 -7.48 -25.66 -12.04
CA SER D 551 -8.77 -26.33 -12.24
C SER D 551 -8.61 -27.66 -13.00
N TYR D 552 -9.72 -28.33 -13.28
CA TYR D 552 -9.69 -29.58 -14.04
C TYR D 552 -10.45 -29.47 -15.34
N ASP D 553 -9.69 -29.52 -16.43
CA ASP D 553 -10.29 -29.56 -17.75
C ASP D 553 -10.41 -31.01 -18.09
N GLU D 554 -11.61 -31.45 -18.35
CA GLU D 554 -11.76 -32.86 -18.66
C GLU D 554 -11.71 -33.17 -20.16
N ASP D 555 -12.04 -32.20 -21.02
CA ASP D 555 -11.97 -32.45 -22.46
C ASP D 555 -10.52 -32.63 -22.85
N SER D 556 -9.65 -31.94 -22.13
CA SER D 556 -8.22 -32.10 -22.32
C SER D 556 -7.70 -33.11 -21.34
N GLU D 557 -8.51 -33.42 -20.34
CA GLU D 557 -8.11 -34.30 -19.24
C GLU D 557 -6.80 -33.89 -18.55
N GLU D 558 -6.61 -32.58 -18.34
CA GLU D 558 -5.40 -32.03 -17.71
C GLU D 558 -5.76 -30.92 -16.70
N LEU D 559 -4.96 -30.75 -15.65
CA LEU D 559 -5.16 -29.67 -14.66
C LEU D 559 -4.64 -28.32 -15.16
N GLN D 560 -5.54 -27.38 -15.42
CA GLN D 560 -5.14 -26.05 -15.91
C GLN D 560 -4.90 -25.03 -14.79
N ALA D 561 -3.67 -24.55 -14.69
CA ALA D 561 -3.32 -23.53 -13.70
C ALA D 561 -4.27 -22.36 -13.80
N ILE D 562 -4.88 -22.02 -12.67
CA ILE D 562 -6.00 -21.08 -12.60
C ILE D 562 -5.51 -19.75 -12.06
N CYS D 563 -4.73 -19.78 -10.98
CA CYS D 563 -4.23 -18.58 -10.29
C CYS D 563 -3.24 -18.98 -9.19
N LYS D 564 -2.57 -18.00 -8.58
CA LYS D 564 -1.64 -18.27 -7.46
C LYS D 564 -2.34 -18.02 -6.13
N LEU D 565 -1.84 -18.61 -5.05
CA LEU D 565 -2.53 -18.49 -3.76
C LEU D 565 -1.55 -18.21 -2.62
N GLY D 566 -1.73 -17.08 -1.93
CA GLY D 566 -0.71 -16.66 -0.98
C GLY D 566 -1.16 -16.23 0.40
N THR D 567 -2.45 -16.41 0.65
CA THR D 567 -3.05 -15.98 1.90
C THR D 567 -4.34 -16.75 2.21
N GLY D 568 -4.86 -16.56 3.40
CA GLY D 568 -6.00 -17.32 3.87
C GLY D 568 -5.60 -18.29 4.96
N PHE D 569 -4.35 -18.76 4.90
CA PHE D 569 -3.84 -19.74 5.86
C PHE D 569 -3.29 -19.10 7.12
N SER D 570 -3.40 -19.81 8.22
CA SER D 570 -2.75 -19.41 9.45
C SER D 570 -1.30 -19.83 9.38
N ASP D 571 -0.50 -19.30 10.29
CA ASP D 571 0.89 -19.71 10.43
C ASP D 571 1.00 -21.21 10.57
N GLU D 572 0.36 -21.75 11.62
CA GLU D 572 0.22 -23.19 11.83
C GLU D 572 -0.19 -23.92 10.57
N GLU D 573 -1.31 -23.49 10.00
CA GLU D 573 -1.86 -24.05 8.76
C GLU D 573 -0.78 -24.17 7.70
N LEU D 574 -0.03 -23.10 7.55
CA LEU D 574 1.08 -23.06 6.60
C LEU D 574 2.15 -24.07 6.92
N GLU D 575 2.62 -24.05 8.17
CA GLU D 575 3.68 -24.94 8.59
C GLU D 575 3.32 -26.40 8.37
N GLU D 576 2.06 -26.74 8.63
CA GLU D 576 1.54 -28.07 8.34
C GLU D 576 1.58 -28.34 6.82
N HIS D 577 1.20 -27.35 6.03
CA HIS D 577 1.17 -27.48 4.58
C HIS D 577 2.57 -27.72 4.05
N HIS D 578 3.51 -26.99 4.62
CA HIS D 578 4.88 -27.10 4.16
C HIS D 578 5.42 -28.50 4.29
N GLN D 579 4.93 -29.24 5.29
CA GLN D 579 5.44 -30.57 5.53
C GLN D 579 4.96 -31.53 4.46
N SER D 580 3.65 -31.70 4.40
CA SER D 580 3.04 -32.66 3.50
C SER D 580 3.48 -32.39 2.06
N LEU D 581 3.22 -31.18 1.57
CA LEU D 581 3.56 -30.85 0.19
C LEU D 581 5.04 -31.08 -0.13
N LYS D 582 5.87 -30.97 0.90
CA LYS D 582 7.31 -31.18 0.77
C LYS D 582 7.52 -32.51 0.08
N ALA D 583 6.87 -33.53 0.63
CA ALA D 583 6.94 -34.89 0.09
C ALA D 583 6.60 -34.94 -1.39
N LEU D 584 5.61 -34.13 -1.82
CA LEU D 584 5.12 -34.16 -3.20
C LEU D 584 5.97 -33.41 -4.24
N VAL D 585 7.11 -32.89 -3.83
CA VAL D 585 7.93 -32.14 -4.78
C VAL D 585 8.53 -33.06 -5.86
N LEU D 586 8.22 -32.76 -7.11
CA LEU D 586 8.75 -33.47 -8.24
C LEU D 586 9.68 -32.58 -9.04
N PRO D 587 10.70 -33.18 -9.64
CA PRO D 587 11.70 -32.47 -10.44
C PRO D 587 11.20 -31.99 -11.81
N SER D 588 10.07 -32.52 -12.26
CA SER D 588 9.43 -32.06 -13.49
C SER D 588 7.94 -31.87 -13.22
N PRO D 589 7.21 -31.34 -14.20
CA PRO D 589 5.75 -31.41 -14.22
C PRO D 589 5.19 -32.79 -14.66
N ARG D 590 3.91 -33.00 -14.40
CA ARG D 590 3.17 -34.09 -15.02
C ARG D 590 2.75 -33.65 -16.41
N PRO D 591 2.56 -34.61 -17.30
CA PRO D 591 2.12 -34.33 -18.66
C PRO D 591 0.77 -33.64 -18.72
N TYR D 592 -0.05 -33.84 -17.71
CA TYR D 592 -1.39 -33.25 -17.71
C TYR D 592 -1.41 -31.85 -17.14
N VAL D 593 -0.32 -31.38 -16.54
CA VAL D 593 -0.28 -30.01 -16.01
C VAL D 593 0.00 -29.00 -17.10
N ARG D 594 -0.76 -27.92 -17.06
CA ARG D 594 -0.73 -26.89 -18.08
C ARG D 594 -0.69 -25.53 -17.39
N ILE D 595 0.52 -25.00 -17.26
CA ILE D 595 0.78 -23.62 -16.87
C ILE D 595 1.18 -22.97 -18.17
N ASP D 596 0.77 -21.73 -18.44
CA ASP D 596 1.42 -21.02 -19.56
C ASP D 596 1.30 -19.52 -19.53
N GLY D 597 2.44 -18.87 -19.40
CA GLY D 597 2.42 -17.49 -18.97
C GLY D 597 2.56 -17.48 -17.48
N ALA D 598 2.11 -18.54 -16.82
CA ALA D 598 2.28 -18.68 -15.38
C ALA D 598 3.74 -18.82 -14.97
N VAL D 599 4.06 -18.17 -13.86
CA VAL D 599 5.35 -18.27 -13.20
C VAL D 599 5.65 -19.71 -12.83
N ILE D 600 6.69 -20.28 -13.44
CA ILE D 600 7.10 -21.64 -13.10
C ILE D 600 7.21 -21.77 -11.59
N PRO D 601 6.40 -22.63 -10.99
CA PRO D 601 6.58 -22.93 -9.57
C PRO D 601 8.06 -23.07 -9.26
N ASP D 602 8.41 -22.67 -8.04
CA ASP D 602 9.72 -22.96 -7.48
C ASP D 602 9.92 -24.45 -7.40
N HIS D 603 8.94 -25.12 -6.81
CA HIS D 603 8.89 -26.56 -6.84
C HIS D 603 7.64 -26.94 -7.57
N TRP D 604 7.71 -28.03 -8.33
CA TRP D 604 6.52 -28.63 -8.92
C TRP D 604 6.01 -29.60 -7.90
N LEU D 605 4.73 -29.47 -7.59
CA LEU D 605 4.09 -30.40 -6.69
C LEU D 605 3.44 -31.57 -7.45
N ASP D 606 3.52 -32.75 -6.84
CA ASP D 606 2.74 -33.91 -7.27
C ASP D 606 1.26 -33.71 -6.95
N PRO D 607 0.43 -33.55 -7.98
CA PRO D 607 -0.92 -33.00 -7.81
C PRO D 607 -1.84 -33.94 -7.01
N SER D 608 -2.28 -33.47 -5.85
CA SER D 608 -3.02 -34.29 -4.88
C SER D 608 -3.85 -33.43 -3.93
N ALA D 609 -3.26 -32.33 -3.46
CA ALA D 609 -3.95 -31.39 -2.61
C ALA D 609 -5.03 -30.64 -3.37
N VAL D 610 -6.25 -30.72 -2.85
CA VAL D 610 -7.31 -29.84 -3.30
C VAL D 610 -7.62 -28.88 -2.19
N TRP D 611 -7.57 -27.62 -2.52
CA TRP D 611 -7.94 -26.61 -1.56
C TRP D 611 -9.26 -25.95 -1.97
N GLU D 612 -9.90 -25.28 -1.02
CA GLU D 612 -11.14 -24.57 -1.28
C GLU D 612 -10.90 -23.06 -1.12
N VAL D 613 -11.13 -22.34 -2.20
CA VAL D 613 -10.70 -20.95 -2.33
C VAL D 613 -11.87 -20.01 -2.56
N LYS D 614 -11.86 -18.87 -1.87
CA LYS D 614 -12.85 -17.85 -2.14
C LYS D 614 -12.23 -16.77 -2.96
N CYS D 615 -13.06 -15.95 -3.58
CA CYS D 615 -12.59 -14.86 -4.40
C CYS D 615 -13.73 -13.93 -4.73
N ALA D 616 -13.39 -12.72 -5.15
CA ALA D 616 -14.38 -11.68 -5.33
C ALA D 616 -15.05 -11.66 -6.69
N ASP D 617 -14.30 -12.08 -7.70
CA ASP D 617 -14.73 -11.96 -9.10
C ASP D 617 -13.90 -12.86 -9.98
N LEU D 618 -14.05 -12.67 -11.28
CA LEU D 618 -13.36 -13.47 -12.29
C LEU D 618 -12.94 -12.58 -13.45
N SER D 619 -11.85 -12.94 -14.09
CA SER D 619 -11.39 -12.15 -15.23
C SER D 619 -10.69 -12.99 -16.27
N LEU D 620 -10.74 -12.52 -17.50
CA LEU D 620 -9.99 -13.18 -18.56
C LEU D 620 -8.50 -12.88 -18.41
N SER D 621 -7.79 -13.87 -17.88
CA SER D 621 -6.34 -13.79 -17.76
C SER D 621 -5.69 -13.95 -19.14
N PRO D 622 -4.58 -13.26 -19.32
CA PRO D 622 -3.81 -13.34 -20.55
C PRO D 622 -2.61 -14.21 -20.26
N ILE D 623 -2.71 -14.93 -19.15
CA ILE D 623 -1.61 -15.69 -18.59
C ILE D 623 -2.06 -17.07 -18.12
N TYR D 624 -3.37 -17.28 -18.02
CA TYR D 624 -3.88 -18.51 -17.46
C TYR D 624 -4.69 -19.34 -18.43
N PRO D 625 -4.29 -20.61 -18.54
CA PRO D 625 -4.91 -21.56 -19.46
C PRO D 625 -6.33 -21.96 -19.01
N ALA D 626 -6.56 -22.18 -17.71
CA ALA D 626 -7.87 -22.60 -17.25
C ALA D 626 -9.04 -21.93 -18.01
N ALA D 627 -9.93 -22.77 -18.56
CA ALA D 627 -11.10 -22.37 -19.33
C ALA D 627 -10.80 -21.43 -20.53
N ARG D 628 -9.63 -21.62 -21.13
CA ARG D 628 -9.29 -20.90 -22.35
C ARG D 628 -10.09 -21.50 -23.48
N GLY D 629 -10.60 -20.63 -24.34
CA GLY D 629 -11.44 -21.04 -25.43
C GLY D 629 -12.90 -21.03 -25.03
N LEU D 630 -13.16 -21.12 -23.73
CA LEU D 630 -14.51 -21.27 -23.21
C LEU D 630 -15.29 -19.94 -23.18
N VAL D 631 -14.69 -18.87 -22.63
CA VAL D 631 -15.31 -17.54 -22.72
C VAL D 631 -14.56 -16.61 -23.65
N ASP D 632 -13.27 -16.85 -23.78
CA ASP D 632 -12.47 -16.13 -24.75
C ASP D 632 -11.82 -17.08 -25.71
N SER D 633 -11.63 -16.63 -26.95
CA SER D 633 -10.92 -17.40 -27.96
C SER D 633 -9.43 -17.49 -27.62
N ASP D 634 -8.95 -16.50 -26.86
CA ASP D 634 -7.55 -16.38 -26.50
C ASP D 634 -7.33 -16.56 -24.97
N LYS D 635 -7.99 -15.71 -24.19
CA LYS D 635 -7.79 -15.66 -22.75
C LYS D 635 -8.35 -16.85 -22.01
N GLY D 636 -7.66 -17.26 -20.95
CA GLY D 636 -8.22 -18.18 -19.98
C GLY D 636 -8.96 -17.34 -18.95
N ILE D 637 -9.21 -17.90 -17.77
CA ILE D 637 -9.75 -17.08 -16.70
C ILE D 637 -8.97 -17.23 -15.37
N SER D 638 -8.86 -16.16 -14.59
CA SER D 638 -8.35 -16.30 -13.22
C SER D 638 -9.30 -15.75 -12.14
N LEU D 639 -8.92 -16.02 -10.88
CA LEU D 639 -9.65 -15.57 -9.68
C LEU D 639 -9.11 -14.23 -9.19
N ARG D 640 -10.01 -13.36 -8.70
CA ARG D 640 -9.63 -12.01 -8.25
C ARG D 640 -9.77 -11.94 -6.73
N PHE D 641 -8.73 -11.48 -6.06
CA PHE D 641 -8.66 -11.53 -4.59
C PHE D 641 -8.85 -12.96 -4.02
N PRO D 642 -8.12 -13.92 -4.59
CA PRO D 642 -8.17 -15.32 -4.13
C PRO D 642 -7.69 -15.49 -2.72
N ARG D 643 -8.33 -16.33 -1.92
CA ARG D 643 -7.93 -16.56 -0.52
C ARG D 643 -8.16 -18.01 -0.16
N PHE D 644 -7.13 -18.64 0.38
CA PHE D 644 -7.29 -19.97 0.97
C PHE D 644 -8.32 -19.96 2.08
N ILE D 645 -9.10 -21.02 2.15
CA ILE D 645 -10.13 -21.18 3.16
C ILE D 645 -9.96 -22.48 3.92
N ARG D 646 -9.91 -23.59 3.22
CA ARG D 646 -9.60 -24.85 3.88
C ARG D 646 -9.28 -25.94 2.90
N VAL D 647 -8.63 -26.99 3.38
CA VAL D 647 -8.40 -28.15 2.55
C VAL D 647 -9.71 -28.94 2.41
N ARG D 648 -9.93 -29.57 1.25
CA ARG D 648 -10.97 -30.59 1.13
C ARG D 648 -10.24 -31.90 1.01
N GLU D 649 -10.02 -32.56 2.14
CA GLU D 649 -9.17 -33.75 2.16
C GLU D 649 -9.91 -35.02 1.73
N ASP D 650 -11.06 -34.82 1.09
CA ASP D 650 -11.81 -35.91 0.50
C ASP D 650 -11.58 -35.92 -1.02
N LYS D 651 -11.45 -34.72 -1.60
CA LYS D 651 -11.40 -34.58 -3.03
C LYS D 651 -10.05 -34.99 -3.60
N GLN D 652 -10.13 -35.61 -4.78
CA GLN D 652 -8.98 -35.82 -5.62
C GLN D 652 -9.05 -34.75 -6.69
N PRO D 653 -7.93 -34.53 -7.36
CA PRO D 653 -7.80 -33.40 -8.28
C PRO D 653 -8.77 -33.43 -9.48
N GLU D 654 -9.17 -34.63 -9.89
CA GLU D 654 -10.11 -34.76 -10.99
C GLU D 654 -11.54 -34.44 -10.57
N GLN D 655 -11.81 -34.63 -9.28
CA GLN D 655 -13.05 -34.14 -8.70
C GLN D 655 -12.76 -32.78 -8.07
N ALA D 656 -11.85 -32.02 -8.68
CA ALA D 656 -11.69 -30.60 -8.38
C ALA D 656 -12.71 -29.78 -9.16
N THR D 657 -12.63 -28.47 -9.05
CA THR D 657 -13.53 -27.63 -9.83
C THR D 657 -13.12 -27.68 -11.28
N THR D 658 -14.10 -27.48 -12.13
CA THR D 658 -13.94 -27.79 -13.53
C THR D 658 -13.82 -26.54 -14.39
N SER D 659 -13.20 -26.70 -15.55
CA SER D 659 -12.90 -25.55 -16.37
C SER D 659 -14.16 -24.86 -16.91
N ALA D 660 -15.15 -25.66 -17.28
CA ALA D 660 -16.41 -25.10 -17.74
C ALA D 660 -17.27 -24.71 -16.56
N GLN D 661 -16.97 -25.31 -15.42
CA GLN D 661 -17.53 -24.90 -14.14
C GLN D 661 -17.10 -23.46 -13.86
N VAL D 662 -15.80 -23.21 -14.05
CA VAL D 662 -15.23 -21.86 -13.95
C VAL D 662 -15.81 -21.02 -15.05
N ALA D 663 -15.81 -21.62 -16.25
CA ALA D 663 -16.34 -21.02 -17.45
C ALA D 663 -17.80 -20.65 -17.19
N CYS D 664 -18.44 -21.48 -16.39
CA CYS D 664 -19.77 -21.25 -15.90
C CYS D 664 -19.83 -19.98 -15.08
N LEU D 665 -19.11 -20.01 -13.95
CA LEU D 665 -19.07 -18.90 -13.01
C LEU D 665 -18.80 -17.59 -13.69
N TYR D 666 -17.73 -17.56 -14.46
CA TYR D 666 -17.40 -16.38 -15.22
C TYR D 666 -18.59 -15.99 -16.08
N ARG D 667 -19.16 -16.99 -16.76
CA ARG D 667 -20.32 -16.78 -17.63
C ARG D 667 -21.47 -16.11 -16.90
N LYS D 668 -21.71 -16.53 -15.65
CA LYS D 668 -22.81 -15.99 -14.85
C LYS D 668 -22.57 -14.53 -14.48
N GLN D 669 -21.29 -14.18 -14.31
CA GLN D 669 -20.87 -12.87 -13.80
C GLN D 669 -21.65 -11.71 -14.41
N SER D 670 -21.90 -11.76 -15.72
CA SER D 670 -22.50 -10.63 -16.42
C SER D 670 -24.00 -10.77 -16.72
#